data_8XHX
#
_entry.id   8XHX
#
_cell.length_a   43.835
_cell.length_b   77.512
_cell.length_c   86.837
_cell.angle_alpha   90.000
_cell.angle_beta   90.000
_cell.angle_gamma   90.000
#
_symmetry.space_group_name_H-M   'P 21 21 21'
#
loop_
_entity.id
_entity.type
_entity.pdbx_description
1 polymer 'Fe/2OG dependent dioxygenase'
2 non-polymer '2-OXOGLUTARIC ACID'
3 non-polymer (3~{S},6~{S})-3-(2-methyl-2-oxidanyl-propyl)-6-[(2~{S})-4-oxidanylbutan-2-yl]piperazine-2,5-dione
4 non-polymer 'FE (III) ION'
5 non-polymer 'SULFATE ION'
6 water water
#
_entity_poly.entity_id   1
_entity_poly.type   'polypeptide(L)'
_entity_poly.pdbx_seq_one_letter_code
;MNPNATYALASAELIDGKLRFDSSDGFARAIADGFFFVKSPSLDLAAGDTFARNFYLPRQEGLGAPYQGFSQWTEDRLAR
REGYFSRDVDQVEQFFLESRFWQTVFPGPLLRQAERMRSFSLEVLRAVLAELDLPVELWDEATGRCLSMQGTYHLTFNHF
RSHVRARGLNVHKDSGWVTILRSLEPGLEVLREGDWLPVSPRPGEFIVNFGCAMEILTRHSATPVAAVAHRVQEQLPGQA
DRFSYALFVDSSLDPRTCPGLFRYLPGHGLVLEADFEMFLNEILHNTYQENTQGLYLEHHHHHHHH
;
_entity_poly.pdbx_strand_id   A
#
# COMPACT_ATOMS: atom_id res chain seq x y z
N TYR A 7 19.17 10.63 -7.38
CA TYR A 7 18.41 11.18 -6.25
C TYR A 7 18.08 10.11 -5.25
N ALA A 8 18.25 10.44 -3.96
CA ALA A 8 17.91 9.53 -2.88
C ALA A 8 16.70 10.07 -2.12
N LEU A 9 15.73 9.20 -1.85
CA LEU A 9 14.56 9.58 -1.07
C LEU A 9 14.94 9.97 0.36
N ALA A 10 14.08 10.79 0.97
CA ALA A 10 14.25 11.10 2.39
C ALA A 10 14.01 9.87 3.24
N SER A 11 14.53 9.91 4.47
CA SER A 11 14.39 8.78 5.38
C SER A 11 14.11 9.28 6.78
N ALA A 12 13.40 8.47 7.57
CA ALA A 12 12.98 8.88 8.90
C ALA A 12 12.98 7.70 9.86
N GLU A 13 12.98 8.03 11.15
CA GLU A 13 12.69 7.09 12.22
C GLU A 13 11.41 7.55 12.92
N LEU A 14 10.56 6.60 13.26
CA LEU A 14 9.37 6.90 14.03
C LEU A 14 9.69 6.77 15.51
N ILE A 15 9.59 7.89 16.26
CA ILE A 15 9.99 7.94 17.66
C ILE A 15 8.86 8.58 18.44
N ASP A 16 8.10 7.78 19.17
CA ASP A 16 7.01 8.25 20.05
C ASP A 16 6.04 9.14 19.29
N GLY A 17 5.50 8.59 18.20
CA GLY A 17 4.51 9.31 17.42
C GLY A 17 5.05 10.40 16.53
N LYS A 18 6.36 10.56 16.46
CA LYS A 18 7.00 11.63 15.71
C LYS A 18 7.92 11.03 14.65
N LEU A 19 7.76 11.46 13.39
CA LEU A 19 8.70 11.09 12.35
C LEU A 19 9.90 12.04 12.41
N ARG A 20 11.06 11.51 12.78
CA ARG A 20 12.30 12.28 12.78
C ARG A 20 13.05 11.98 11.49
N PHE A 21 13.13 12.97 10.61
CA PHE A 21 13.83 12.76 9.37
C PHE A 21 15.31 13.03 9.56
N ASP A 22 16.10 12.38 8.75
CA ASP A 22 17.54 12.44 8.89
C ASP A 22 18.15 13.64 8.17
N SER A 23 17.31 14.50 7.59
CA SER A 23 17.71 15.79 7.05
C SER A 23 16.65 16.81 7.44
N SER A 24 17.06 18.09 7.49
CA SER A 24 16.12 19.13 7.88
C SER A 24 14.95 19.23 6.92
N ASP A 25 15.16 18.90 5.64
CA ASP A 25 14.12 19.04 4.63
C ASP A 25 13.40 17.72 4.35
N GLY A 26 13.56 16.73 5.24
CA GLY A 26 13.11 15.38 4.94
C GLY A 26 11.61 15.30 4.69
N PHE A 27 10.80 15.82 5.61
CA PHE A 27 9.36 15.71 5.44
C PHE A 27 8.88 16.50 4.23
N ALA A 28 9.45 17.69 4.00
CA ALA A 28 9.10 18.45 2.80
C ALA A 28 9.37 17.65 1.53
N ARG A 29 10.51 16.96 1.47
CA ARG A 29 10.81 16.13 0.31
C ARG A 29 9.86 14.93 0.22
N ALA A 30 9.53 14.33 1.36
CA ALA A 30 8.67 13.16 1.36
C ALA A 30 7.30 13.47 0.75
N ILE A 31 6.69 14.60 1.12
CA ILE A 31 5.36 14.86 0.58
C ILE A 31 5.40 15.44 -0.83
N ALA A 32 6.58 15.87 -1.30
CA ALA A 32 6.71 16.21 -2.71
C ALA A 32 7.02 14.99 -3.56
N ASP A 33 7.85 14.07 -3.03
CA ASP A 33 8.24 12.86 -3.75
C ASP A 33 7.14 11.81 -3.73
N GLY A 34 6.27 11.83 -2.73
CA GLY A 34 5.27 10.79 -2.55
C GLY A 34 5.77 9.51 -1.94
N PHE A 35 7.07 9.41 -1.65
CA PHE A 35 7.76 8.19 -1.23
C PHE A 35 8.85 8.59 -0.24
N PHE A 36 9.09 7.74 0.77
CA PHE A 36 10.22 7.95 1.68
C PHE A 36 10.50 6.65 2.42
N PHE A 37 11.64 6.60 3.10
CA PHE A 37 12.02 5.44 3.88
C PHE A 37 11.73 5.67 5.35
N VAL A 38 11.31 4.60 6.05
CA VAL A 38 11.16 4.66 7.50
C VAL A 38 11.85 3.43 8.10
N LYS A 39 12.59 3.67 9.18
CA LYS A 39 13.25 2.56 9.85
C LYS A 39 12.23 1.60 10.42
N SER A 40 12.47 0.31 10.25
CA SER A 40 11.56 -0.68 10.82
C SER A 40 11.77 -0.76 12.33
N PRO A 41 10.70 -0.84 13.12
CA PRO A 41 10.86 -1.09 14.55
C PRO A 41 11.25 -2.55 14.74
N SER A 42 11.23 -3.06 15.95
CA SER A 42 11.47 -4.49 16.11
C SER A 42 10.27 -5.21 15.52
N LEU A 43 10.42 -5.69 14.29
CA LEU A 43 9.30 -6.31 13.57
C LEU A 43 9.81 -7.55 12.86
N ASP A 44 9.45 -8.71 13.37
CA ASP A 44 9.84 -9.96 12.73
C ASP A 44 9.09 -10.11 11.41
N LEU A 45 9.84 -10.30 10.33
CA LEU A 45 9.26 -10.42 9.00
C LEU A 45 9.30 -11.84 8.46
N ALA A 46 9.67 -12.82 9.28
CA ALA A 46 9.87 -14.18 8.77
C ALA A 46 8.60 -14.79 8.21
N ALA A 47 7.46 -14.60 8.89
CA ALA A 47 6.22 -15.24 8.44
C ALA A 47 5.76 -14.66 7.10
N GLY A 48 5.84 -13.34 6.96
CA GLY A 48 5.49 -12.74 5.68
C GLY A 48 6.43 -13.15 4.57
N ASP A 49 7.73 -13.26 4.88
CA ASP A 49 8.67 -13.70 3.85
C ASP A 49 8.38 -15.14 3.43
N THR A 50 8.00 -15.99 4.40
CA THR A 50 7.63 -17.37 4.08
C THR A 50 6.38 -17.40 3.19
N PHE A 51 5.35 -16.64 3.57
CA PHE A 51 4.16 -16.58 2.73
C PHE A 51 4.51 -16.09 1.32
N ALA A 52 5.39 -15.09 1.22
CA ALA A 52 5.71 -14.50 -0.08
C ALA A 52 6.44 -15.47 -0.99
N ARG A 53 7.11 -16.47 -0.42
CA ARG A 53 7.82 -17.50 -1.19
C ARG A 53 6.99 -18.75 -1.42
N ASN A 54 5.80 -18.85 -0.83
CA ASN A 54 5.07 -20.13 -0.82
C ASN A 54 3.61 -20.05 -1.21
N PHE A 55 2.96 -18.88 -1.19
CA PHE A 55 1.50 -18.91 -1.23
C PHE A 55 0.98 -19.46 -2.54
N TYR A 56 1.73 -19.28 -3.62
CA TYR A 56 1.31 -19.68 -4.95
C TYR A 56 1.70 -21.11 -5.29
N LEU A 57 2.41 -21.78 -4.40
CA LEU A 57 2.80 -23.16 -4.64
C LEU A 57 1.66 -24.09 -4.28
N PRO A 58 1.56 -25.24 -4.94
CA PRO A 58 0.59 -26.24 -4.52
C PRO A 58 0.92 -26.73 -3.12
N ARG A 59 -0.11 -26.87 -2.29
CA ARG A 59 0.12 -27.32 -0.93
C ARG A 59 0.50 -28.79 -0.92
N GLN A 60 1.63 -29.11 -0.29
CA GLN A 60 2.08 -30.47 -0.13
C GLN A 60 2.42 -30.69 1.34
N GLU A 61 2.36 -31.94 1.78
CA GLU A 61 2.59 -32.20 3.19
C GLU A 61 4.01 -31.77 3.58
N GLY A 62 4.12 -31.11 4.72
CA GLY A 62 5.43 -30.73 5.22
C GLY A 62 5.38 -29.39 5.96
N LEU A 63 6.58 -28.90 6.30
CA LEU A 63 6.69 -27.66 7.06
C LEU A 63 6.03 -26.48 6.35
N GLY A 64 6.19 -26.42 5.02
CA GLY A 64 5.65 -25.27 4.30
C GLY A 64 4.17 -25.27 4.04
N ALA A 65 3.49 -26.39 4.31
CA ALA A 65 2.08 -26.54 3.94
C ALA A 65 1.18 -25.40 4.38
N PRO A 66 1.21 -24.90 5.62
CA PRO A 66 0.26 -23.83 6.00
C PRO A 66 0.47 -22.55 5.24
N TYR A 67 1.60 -22.38 4.55
CA TYR A 67 1.88 -21.17 3.79
C TYR A 67 1.70 -21.39 2.29
N GLN A 68 1.16 -22.54 1.88
CA GLN A 68 1.00 -22.94 0.49
C GLN A 68 -0.45 -23.16 0.15
N GLY A 69 -0.73 -23.20 -1.15
CA GLY A 69 -2.04 -23.57 -1.66
C GLY A 69 -3.06 -22.45 -1.63
N PHE A 70 -2.63 -21.20 -1.55
CA PHE A 70 -3.60 -20.14 -1.35
C PHE A 70 -4.32 -19.72 -2.62
N SER A 71 -4.02 -20.34 -3.76
CA SER A 71 -4.87 -20.16 -4.93
C SER A 71 -6.30 -20.60 -4.66
N GLN A 72 -6.52 -21.44 -3.63
CA GLN A 72 -7.87 -21.88 -3.28
C GLN A 72 -8.69 -20.80 -2.62
N TRP A 73 -8.06 -19.70 -2.17
CA TRP A 73 -8.77 -18.63 -1.49
C TRP A 73 -9.12 -17.57 -2.52
N THR A 74 -10.33 -17.63 -3.05
CA THR A 74 -10.77 -16.73 -4.09
C THR A 74 -11.92 -15.86 -3.58
N GLU A 75 -12.39 -14.96 -4.47
CA GLU A 75 -13.39 -13.97 -4.05
C GLU A 75 -14.65 -14.62 -3.51
N ASP A 76 -15.06 -15.76 -4.09
CA ASP A 76 -16.29 -16.40 -3.65
C ASP A 76 -16.22 -16.91 -2.21
N ARG A 77 -15.03 -17.19 -1.69
CA ARG A 77 -14.87 -17.62 -0.31
C ARG A 77 -14.56 -16.47 0.63
N LEU A 78 -14.40 -15.25 0.10
CA LEU A 78 -13.99 -14.12 0.91
C LEU A 78 -14.92 -12.94 0.64
N ALA A 79 -14.50 -12.04 -0.23
CA ALA A 79 -15.32 -10.93 -0.72
C ALA A 79 -14.68 -10.45 -2.01
N ARG A 80 -15.42 -9.58 -2.72
CA ARG A 80 -14.88 -9.02 -3.95
C ARG A 80 -13.55 -8.34 -3.67
N ARG A 81 -12.62 -8.48 -4.62
CA ARG A 81 -11.26 -7.94 -4.62
C ARG A 81 -10.32 -8.68 -3.66
N GLU A 82 -10.79 -9.70 -2.97
CA GLU A 82 -9.98 -10.39 -1.97
C GLU A 82 -9.44 -11.71 -2.52
N GLY A 83 -8.28 -12.11 -2.00
CA GLY A 83 -7.75 -13.43 -2.27
C GLY A 83 -6.74 -13.48 -3.40
N TYR A 84 -6.74 -14.61 -4.11
CA TYR A 84 -5.71 -14.90 -5.11
C TYR A 84 -6.10 -14.38 -6.49
N PHE A 85 -5.13 -13.79 -7.19
CA PHE A 85 -5.30 -13.33 -8.57
C PHE A 85 -4.06 -13.61 -9.38
N SER A 86 -4.26 -14.18 -10.57
CA SER A 86 -3.21 -14.33 -11.57
C SER A 86 -3.46 -13.33 -12.69
N ARG A 87 -2.48 -12.49 -13.00
CA ARG A 87 -2.71 -11.43 -13.97
C ARG A 87 -2.30 -11.88 -15.38
N ASP A 88 -3.03 -11.36 -16.38
CA ASP A 88 -2.80 -11.77 -17.76
C ASP A 88 -1.63 -11.01 -18.39
N VAL A 89 -1.49 -9.72 -18.11
CA VAL A 89 -0.50 -8.89 -18.79
C VAL A 89 0.39 -8.16 -17.78
N ASP A 90 0.49 -8.70 -16.57
CA ASP A 90 1.49 -8.31 -15.60
C ASP A 90 2.15 -9.57 -15.07
N GLN A 91 3.42 -9.47 -14.69
CA GLN A 91 4.07 -10.66 -14.15
C GLN A 91 3.52 -11.08 -12.79
N VAL A 92 2.93 -10.17 -12.02
CA VAL A 92 2.54 -10.54 -10.66
C VAL A 92 1.41 -11.55 -10.67
N GLU A 93 1.52 -12.53 -9.77
CA GLU A 93 0.35 -13.19 -9.21
C GLU A 93 0.31 -12.76 -7.75
N GLN A 94 -0.90 -12.53 -7.24
CA GLN A 94 -1.05 -11.74 -6.03
C GLN A 94 -1.94 -12.44 -5.02
N PHE A 95 -1.78 -12.04 -3.75
CA PHE A 95 -2.74 -12.41 -2.71
C PHE A 95 -3.08 -11.17 -1.91
N PHE A 96 -4.35 -10.75 -1.95
CA PHE A 96 -4.87 -9.61 -1.20
C PHE A 96 -5.65 -10.13 -0.02
N LEU A 97 -5.42 -9.58 1.17
CA LEU A 97 -6.31 -9.97 2.27
C LEU A 97 -6.56 -8.81 3.21
N GLU A 98 -7.83 -8.43 3.32
CA GLU A 98 -8.26 -7.41 4.28
C GLU A 98 -8.30 -8.00 5.69
N SER A 99 -8.12 -7.11 6.67
CA SER A 99 -7.92 -7.46 8.07
C SER A 99 -9.03 -8.36 8.63
N ARG A 100 -10.28 -8.17 8.20
CA ARG A 100 -11.35 -8.96 8.82
C ARG A 100 -11.23 -10.45 8.51
N PHE A 101 -10.43 -10.81 7.50
CA PHE A 101 -10.21 -12.21 7.14
C PHE A 101 -8.91 -12.79 7.68
N TRP A 102 -8.05 -11.97 8.30
CA TRP A 102 -6.71 -12.44 8.64
C TRP A 102 -6.75 -13.64 9.59
N GLN A 103 -7.62 -13.59 10.60
CA GLN A 103 -7.61 -14.67 11.59
C GLN A 103 -8.06 -16.00 10.98
N THR A 104 -9.00 -15.96 10.03
CA THR A 104 -9.50 -17.17 9.41
C THR A 104 -8.53 -17.77 8.41
N VAL A 105 -7.78 -16.93 7.71
CA VAL A 105 -7.05 -17.37 6.51
C VAL A 105 -5.54 -17.50 6.76
N PHE A 106 -4.93 -16.55 7.49
CA PHE A 106 -3.48 -16.56 7.69
C PHE A 106 -3.08 -17.51 8.81
N PRO A 107 -1.93 -18.19 8.69
CA PRO A 107 -1.36 -18.87 9.86
C PRO A 107 -1.10 -17.88 10.98
N GLY A 108 -1.17 -18.38 12.22
CA GLY A 108 -0.94 -17.57 13.40
C GLY A 108 0.20 -16.57 13.33
N PRO A 109 1.40 -17.02 12.97
CA PRO A 109 2.54 -16.09 12.94
C PRO A 109 2.35 -14.99 11.91
N LEU A 110 1.67 -15.28 10.80
CA LEU A 110 1.45 -14.25 9.80
C LEU A 110 0.34 -13.30 10.23
N LEU A 111 -0.69 -13.81 10.91
CA LEU A 111 -1.68 -12.95 11.54
C LEU A 111 -1.01 -11.92 12.45
N ARG A 112 -0.10 -12.40 13.31
CA ARG A 112 0.56 -11.52 14.26
C ARG A 112 1.45 -10.51 13.55
N GLN A 113 2.18 -10.95 12.52
CA GLN A 113 2.97 -9.99 11.75
C GLN A 113 2.08 -8.95 11.09
N ALA A 114 0.96 -9.40 10.50
CA ALA A 114 0.04 -8.46 9.86
C ALA A 114 -0.48 -7.43 10.86
N GLU A 115 -0.84 -7.88 12.07
CA GLU A 115 -1.33 -6.94 13.08
C GLU A 115 -0.26 -5.94 13.48
N ARG A 116 0.99 -6.40 13.59
CA ARG A 116 2.07 -5.48 13.96
C ARG A 116 2.35 -4.49 12.83
N MET A 117 2.27 -4.93 11.58
CA MET A 117 2.48 -4.02 10.47
C MET A 117 1.33 -3.01 10.38
N ARG A 118 0.10 -3.44 10.70
CA ARG A 118 -1.04 -2.54 10.71
C ARG A 118 -0.88 -1.47 11.78
N SER A 119 -0.47 -1.87 12.98
CA SER A 119 -0.28 -0.90 14.06
C SER A 119 0.79 0.11 13.68
N PHE A 120 1.92 -0.38 13.15
CA PHE A 120 2.99 0.51 12.73
C PHE A 120 2.53 1.46 11.63
N SER A 121 1.77 0.94 10.66
N SER A 121 1.78 0.94 10.65
N SER A 121 1.77 0.94 10.66
CA SER A 121 1.33 1.78 9.54
CA SER A 121 1.34 1.78 9.54
CA SER A 121 1.33 1.78 9.55
C SER A 121 0.45 2.92 10.03
C SER A 121 0.44 2.91 10.02
C SER A 121 0.44 2.91 10.02
N LEU A 122 -0.44 2.64 10.99
CA LEU A 122 -1.30 3.69 11.51
C LEU A 122 -0.52 4.68 12.36
N GLU A 123 0.52 4.22 13.06
CA GLU A 123 1.41 5.15 13.74
C GLU A 123 2.08 6.09 12.75
N VAL A 124 2.57 5.53 11.63
CA VAL A 124 3.14 6.36 10.57
C VAL A 124 2.12 7.36 10.06
N LEU A 125 0.89 6.91 9.78
CA LEU A 125 -0.14 7.83 9.28
C LEU A 125 -0.38 8.96 10.25
N ARG A 126 -0.56 8.65 11.55
CA ARG A 126 -0.79 9.70 12.52
C ARG A 126 0.37 10.69 12.57
N ALA A 127 1.61 10.18 12.49
CA ALA A 127 2.78 11.05 12.49
C ALA A 127 2.83 11.94 11.26
N VAL A 128 2.35 11.45 10.11
CA VAL A 128 2.30 12.30 8.92
C VAL A 128 1.24 13.38 9.08
N LEU A 129 0.03 12.98 9.50
CA LEU A 129 -1.04 13.97 9.68
C LEU A 129 -0.65 15.05 10.67
N ALA A 130 0.13 14.70 11.68
CA ALA A 130 0.57 15.65 12.69
C ALA A 130 1.41 16.76 12.10
N GLU A 131 2.06 16.51 10.96
CA GLU A 131 2.92 17.50 10.32
C GLU A 131 2.19 18.37 9.31
N LEU A 132 0.95 18.04 8.97
CA LEU A 132 0.16 18.73 7.95
C LEU A 132 -0.79 19.74 8.58
N ASP A 133 -1.27 20.67 7.76
CA ASP A 133 -2.26 21.64 8.22
C ASP A 133 -3.65 21.01 8.09
N LEU A 134 -3.91 20.07 8.98
CA LEU A 134 -5.17 19.31 9.06
C LEU A 134 -5.51 19.17 10.52
N PRO A 135 -6.58 19.80 10.98
CA PRO A 135 -6.86 19.80 12.42
C PRO A 135 -7.28 18.43 12.92
N VAL A 136 -6.81 18.07 14.13
CA VAL A 136 -7.05 16.74 14.69
C VAL A 136 -8.53 16.42 14.78
N GLU A 137 -9.38 17.42 15.03
CA GLU A 137 -10.82 17.13 15.18
C GLU A 137 -11.42 16.53 13.92
N LEU A 138 -10.75 16.69 12.77
CA LEU A 138 -11.25 16.13 11.52
C LEU A 138 -10.58 14.82 11.12
N TRP A 139 -9.55 14.36 11.84
CA TRP A 139 -8.74 13.24 11.34
C TRP A 139 -9.57 11.98 11.13
N ASP A 140 -10.39 11.59 12.13
CA ASP A 140 -11.06 10.29 12.06
C ASP A 140 -11.96 10.21 10.83
N GLU A 141 -12.80 11.24 10.64
CA GLU A 141 -13.70 11.26 9.49
C GLU A 141 -12.93 11.47 8.20
N ALA A 142 -11.95 12.37 8.21
CA ALA A 142 -11.24 12.74 6.99
C ALA A 142 -10.47 11.57 6.41
N THR A 143 -10.03 10.64 7.25
CA THR A 143 -9.28 9.49 6.75
C THR A 143 -10.11 8.21 6.80
N GLY A 144 -11.43 8.33 6.65
CA GLY A 144 -12.25 7.16 6.37
C GLY A 144 -12.41 6.20 7.54
N ARG A 145 -12.28 6.70 8.76
CA ARG A 145 -12.41 5.93 9.99
C ARG A 145 -11.33 4.86 10.11
N CYS A 146 -10.24 4.96 9.36
CA CYS A 146 -9.18 3.97 9.52
C CYS A 146 -8.42 4.16 10.82
N LEU A 147 -8.44 5.36 11.42
CA LEU A 147 -7.72 5.57 12.67
C LEU A 147 -8.44 4.97 13.87
N SER A 148 -9.76 4.78 13.77
CA SER A 148 -10.55 4.14 14.82
C SER A 148 -10.77 2.65 14.56
N MET A 149 -9.96 2.08 13.68
CA MET A 149 -9.87 0.65 13.38
C MET A 149 -11.05 0.13 12.58
N GLN A 150 -11.79 1.01 11.92
CA GLN A 150 -12.90 0.60 11.06
C GLN A 150 -12.55 0.74 9.58
N GLY A 151 -11.27 0.90 9.27
CA GLY A 151 -10.84 1.12 7.91
C GLY A 151 -10.65 -0.19 7.16
N THR A 152 -9.96 -0.06 6.03
CA THR A 152 -9.65 -1.18 5.14
C THR A 152 -8.14 -1.36 5.19
N TYR A 153 -7.69 -2.47 5.76
CA TYR A 153 -6.26 -2.75 5.91
C TYR A 153 -5.96 -4.02 5.16
N HIS A 154 -5.18 -3.92 4.09
CA HIS A 154 -4.76 -5.11 3.36
C HIS A 154 -3.31 -5.43 3.67
N LEU A 155 -3.03 -6.71 3.90
CA LEU A 155 -1.68 -7.24 3.67
C LEU A 155 -1.74 -7.93 2.31
N THR A 156 -0.99 -7.42 1.35
CA THR A 156 -1.09 -7.85 -0.05
C THR A 156 0.28 -8.26 -0.55
N PHE A 157 0.34 -9.41 -1.21
CA PHE A 157 1.60 -10.02 -1.66
C PHE A 157 1.68 -10.03 -3.18
N ASN A 158 2.87 -9.71 -3.69
CA ASN A 158 3.21 -9.77 -5.11
C ASN A 158 4.26 -10.85 -5.30
N HIS A 159 3.99 -11.83 -6.16
CA HIS A 159 5.00 -12.75 -6.66
C HIS A 159 5.21 -12.46 -8.14
N PHE A 160 6.43 -12.03 -8.51
CA PHE A 160 6.72 -11.65 -9.90
C PHE A 160 7.14 -12.90 -10.66
N ARG A 161 6.25 -13.40 -11.51
CA ARG A 161 6.53 -14.63 -12.26
C ARG A 161 7.48 -14.29 -13.40
N SER A 162 8.76 -14.67 -13.27
CA SER A 162 9.71 -14.29 -14.31
C SER A 162 9.49 -15.06 -15.60
N HIS A 163 8.71 -16.14 -15.58
CA HIS A 163 8.38 -16.84 -16.81
C HIS A 163 7.35 -16.11 -17.66
N VAL A 164 6.69 -15.08 -17.12
CA VAL A 164 5.71 -14.31 -17.87
C VAL A 164 6.42 -13.15 -18.56
N ARG A 165 6.28 -13.05 -19.89
CA ARG A 165 6.90 -11.97 -20.64
C ARG A 165 5.94 -10.79 -20.63
N ALA A 166 6.10 -9.93 -19.62
CA ALA A 166 5.24 -8.76 -19.45
C ALA A 166 5.93 -7.80 -18.49
N ARG A 167 5.42 -6.57 -18.45
CA ARG A 167 5.82 -5.65 -17.39
C ARG A 167 5.66 -6.33 -16.04
N GLY A 168 6.50 -5.95 -15.07
CA GLY A 168 6.41 -6.55 -13.75
C GLY A 168 5.11 -6.21 -13.05
N LEU A 169 4.87 -4.91 -12.89
CA LEU A 169 3.62 -4.40 -12.34
C LEU A 169 3.36 -3.06 -13.02
N ASN A 170 2.15 -2.87 -13.53
CA ASN A 170 1.82 -1.69 -14.32
C ASN A 170 2.01 -0.41 -13.51
N VAL A 171 2.14 0.70 -14.24
CA VAL A 171 2.07 2.04 -13.66
C VAL A 171 0.76 2.18 -12.90
N HIS A 172 0.84 2.69 -11.67
CA HIS A 172 -0.35 2.91 -10.85
C HIS A 172 -0.04 3.91 -9.74
N LYS A 173 -1.10 4.42 -9.14
CA LYS A 173 -1.04 5.00 -7.80
C LYS A 173 -1.75 4.06 -6.86
N ASP A 174 -1.25 3.95 -5.63
CA ASP A 174 -1.98 3.21 -4.61
C ASP A 174 -3.25 3.98 -4.25
N SER A 175 -4.26 3.26 -3.76
CA SER A 175 -5.58 3.89 -3.60
C SER A 175 -5.68 4.75 -2.35
N GLY A 176 -4.90 4.47 -1.31
CA GLY A 176 -5.27 4.95 0.02
C GLY A 176 -4.41 5.99 0.69
N TRP A 177 -4.13 5.78 1.98
CA TRP A 177 -3.51 6.80 2.83
C TRP A 177 -2.00 6.65 2.83
N VAL A 178 -1.51 5.59 3.49
CA VAL A 178 -0.11 5.20 3.42
C VAL A 178 -0.04 3.72 3.07
N THR A 179 1.05 3.35 2.41
CA THR A 179 1.43 1.97 2.13
C THR A 179 2.80 1.75 2.76
N ILE A 180 2.94 0.67 3.54
CA ILE A 180 4.22 0.31 4.15
C ILE A 180 4.73 -0.93 3.40
N LEU A 181 5.79 -0.76 2.61
CA LEU A 181 6.20 -1.75 1.61
C LEU A 181 7.46 -2.51 2.05
N ARG A 182 7.36 -3.84 2.06
CA ARG A 182 8.46 -4.76 2.36
C ARG A 182 8.99 -5.31 1.03
N SER A 183 10.25 -4.99 0.71
CA SER A 183 10.86 -5.54 -0.48
C SER A 183 12.36 -5.68 -0.26
N LEU A 184 13.00 -6.46 -1.14
CA LEU A 184 14.42 -6.77 -1.03
C LEU A 184 15.23 -6.42 -2.27
N GLU A 185 14.61 -6.31 -3.44
CA GLU A 185 15.36 -6.22 -4.69
C GLU A 185 15.00 -4.96 -5.49
N PRO A 186 15.87 -4.55 -6.41
CA PRO A 186 15.52 -3.49 -7.34
C PRO A 186 14.30 -3.87 -8.17
N GLY A 187 13.72 -2.85 -8.81
CA GLY A 187 12.60 -3.06 -9.71
C GLY A 187 11.59 -1.94 -9.63
N LEU A 188 11.37 -1.42 -8.42
CA LEU A 188 10.47 -0.29 -8.24
C LEU A 188 11.05 0.96 -8.89
N GLU A 189 10.22 1.65 -9.67
CA GLU A 189 10.55 2.96 -10.20
C GLU A 189 9.39 3.91 -9.92
N VAL A 190 9.71 5.13 -9.51
CA VAL A 190 8.69 6.13 -9.17
C VAL A 190 8.85 7.33 -10.09
N LEU A 191 7.73 7.95 -10.43
CA LEU A 191 7.76 9.08 -11.34
C LEU A 191 8.10 10.34 -10.56
N ARG A 192 9.21 10.99 -10.93
CA ARG A 192 9.66 12.20 -10.25
C ARG A 192 10.10 13.20 -11.31
N GLU A 193 9.50 14.39 -11.30
CA GLU A 193 9.82 15.43 -12.26
C GLU A 193 9.79 14.90 -13.69
N GLY A 194 8.79 14.06 -13.99
CA GLY A 194 8.57 13.56 -15.33
C GLY A 194 9.46 12.42 -15.76
N ASP A 195 10.36 11.95 -14.90
CA ASP A 195 11.28 10.88 -15.22
C ASP A 195 11.11 9.74 -14.23
N TRP A 196 11.42 8.53 -14.67
CA TRP A 196 11.30 7.35 -13.82
C TRP A 196 12.57 7.17 -13.00
N LEU A 197 12.42 7.22 -11.67
CA LEU A 197 13.54 7.10 -10.74
C LEU A 197 13.57 5.70 -10.14
N PRO A 198 14.62 4.92 -10.37
CA PRO A 198 14.73 3.62 -9.68
C PRO A 198 14.92 3.81 -8.18
N VAL A 199 14.21 2.99 -7.41
CA VAL A 199 14.29 3.00 -5.95
C VAL A 199 14.67 1.61 -5.48
N SER A 200 15.79 1.49 -4.76
CA SER A 200 16.16 0.21 -4.19
C SER A 200 15.83 0.17 -2.70
N PRO A 201 15.34 -0.95 -2.19
CA PRO A 201 15.07 -1.03 -0.75
C PRO A 201 16.37 -0.98 0.04
N ARG A 202 16.20 -0.72 1.34
CA ARG A 202 17.30 -0.57 2.28
C ARG A 202 17.06 -1.53 3.44
N PRO A 203 18.05 -2.36 3.80
CA PRO A 203 17.83 -3.31 4.89
C PRO A 203 17.48 -2.60 6.20
N GLY A 204 16.52 -3.18 6.92
CA GLY A 204 16.05 -2.62 8.16
C GLY A 204 15.12 -1.44 8.00
N GLU A 205 14.70 -1.14 6.77
CA GLU A 205 13.81 -0.02 6.47
C GLU A 205 12.65 -0.51 5.61
N PHE A 206 11.52 0.17 5.74
CA PHE A 206 10.41 0.02 4.82
C PHE A 206 10.35 1.22 3.89
N ILE A 207 9.77 1.00 2.72
CA ILE A 207 9.40 2.10 1.83
C ILE A 207 7.99 2.50 2.17
N VAL A 208 7.74 3.80 2.32
CA VAL A 208 6.40 4.32 2.61
C VAL A 208 5.96 5.18 1.43
N ASN A 209 4.72 5.03 1.00
CA ASN A 209 4.25 5.98 0.00
C ASN A 209 2.81 6.36 0.27
N PHE A 210 2.42 7.49 -0.30
CA PHE A 210 1.05 7.98 -0.16
C PHE A 210 0.20 7.53 -1.32
N GLY A 211 -1.10 7.37 -1.07
CA GLY A 211 -2.03 6.94 -2.08
C GLY A 211 -2.99 8.07 -2.47
N CYS A 212 -3.91 7.73 -3.38
CA CYS A 212 -4.83 8.71 -3.93
C CYS A 212 -5.66 9.41 -2.86
N ALA A 213 -6.13 8.66 -1.86
CA ALA A 213 -6.96 9.30 -0.83
C ALA A 213 -6.20 10.43 -0.16
N MET A 214 -4.92 10.23 0.13
CA MET A 214 -4.11 11.28 0.74
C MET A 214 -4.01 12.50 -0.17
N GLU A 215 -3.78 12.26 -1.46
CA GLU A 215 -3.63 13.37 -2.40
C GLU A 215 -4.94 14.15 -2.52
N ILE A 216 -6.06 13.44 -2.64
CA ILE A 216 -7.37 14.09 -2.76
C ILE A 216 -7.69 14.89 -1.50
N LEU A 217 -7.40 14.34 -0.32
CA LEU A 217 -7.76 15.05 0.92
C LEU A 217 -7.03 16.38 1.03
N THR A 218 -5.75 16.42 0.63
CA THR A 218 -4.89 17.54 0.94
C THR A 218 -4.71 18.52 -0.22
N ARG A 219 -5.29 18.22 -1.39
CA ARG A 219 -4.97 18.96 -2.61
C ARG A 219 -5.22 20.46 -2.47
N HIS A 220 -6.33 20.83 -1.86
CA HIS A 220 -6.73 22.23 -1.73
C HIS A 220 -6.49 22.78 -0.33
N SER A 221 -5.68 22.08 0.48
CA SER A 221 -5.29 22.57 1.79
C SER A 221 -4.03 23.43 1.69
N ALA A 222 -3.56 23.91 2.83
CA ALA A 222 -2.32 24.69 2.84
C ALA A 222 -1.08 23.81 2.69
N THR A 223 -1.22 22.50 2.84
CA THR A 223 -0.09 21.56 2.76
C THR A 223 -0.46 20.35 1.92
N PRO A 224 -0.49 20.51 0.59
CA PRO A 224 -0.83 19.38 -0.28
C PRO A 224 0.26 18.31 -0.28
N VAL A 225 -0.19 17.06 -0.32
CA VAL A 225 0.68 15.88 -0.32
C VAL A 225 0.50 15.16 -1.65
N ALA A 226 1.60 14.73 -2.26
CA ALA A 226 1.56 14.03 -3.53
C ALA A 226 1.40 12.54 -3.34
N ALA A 227 0.54 11.94 -4.16
CA ALA A 227 0.57 10.52 -4.46
C ALA A 227 1.18 10.38 -5.85
N VAL A 228 2.18 9.52 -6.01
CA VAL A 228 2.87 9.50 -7.29
C VAL A 228 2.79 8.13 -7.93
N ALA A 229 2.75 8.16 -9.26
CA ALA A 229 2.72 6.95 -10.07
C ALA A 229 4.01 6.17 -9.88
N HIS A 230 3.90 4.84 -9.86
CA HIS A 230 5.06 3.99 -9.74
C HIS A 230 4.77 2.68 -10.45
N ARG A 231 5.82 1.90 -10.68
CA ARG A 231 5.74 0.68 -11.49
C ARG A 231 6.86 -0.25 -11.06
N VAL A 232 6.80 -1.51 -11.50
CA VAL A 232 7.89 -2.45 -11.32
C VAL A 232 8.33 -2.98 -12.68
N GLN A 233 9.63 -2.89 -12.94
CA GLN A 233 10.20 -3.36 -14.20
C GLN A 233 9.98 -4.86 -14.37
N GLU A 234 9.84 -5.29 -15.63
CA GLU A 234 9.83 -6.71 -15.93
C GLU A 234 11.05 -7.40 -15.35
N GLN A 235 10.83 -8.53 -14.68
CA GLN A 235 11.90 -9.34 -14.08
C GLN A 235 12.28 -10.47 -15.03
N LEU A 236 13.62 -10.66 -15.23
CA LEU A 236 14.01 -11.75 -16.12
C LEU A 236 14.41 -12.98 -15.31
N PRO A 237 14.33 -14.18 -15.90
CA PRO A 237 14.63 -15.41 -15.13
C PRO A 237 16.06 -15.44 -14.61
N GLY A 238 16.23 -16.17 -13.51
CA GLY A 238 17.53 -16.33 -12.89
C GLY A 238 17.49 -16.10 -11.40
N GLN A 239 17.68 -17.19 -10.63
CA GLN A 239 17.65 -17.18 -9.17
C GLN A 239 16.23 -16.85 -8.67
N ALA A 240 16.09 -16.56 -7.38
CA ALA A 240 14.75 -16.43 -6.82
C ALA A 240 13.94 -15.36 -7.53
N ASP A 241 12.67 -15.67 -7.80
CA ASP A 241 11.72 -14.66 -8.26
C ASP A 241 11.64 -13.52 -7.25
N ARG A 242 11.46 -12.31 -7.78
CA ARG A 242 11.22 -11.16 -6.93
C ARG A 242 9.87 -11.31 -6.24
N PHE A 243 9.80 -10.85 -4.99
CA PHE A 243 8.52 -10.68 -4.31
C PHE A 243 8.49 -9.34 -3.61
N SER A 244 7.28 -8.89 -3.28
CA SER A 244 7.12 -7.78 -2.36
C SER A 244 5.80 -7.97 -1.66
N TYR A 245 5.63 -7.31 -0.52
CA TYR A 245 4.32 -7.28 0.09
C TYR A 245 4.22 -6.01 0.90
N ALA A 246 2.98 -5.60 1.18
CA ALA A 246 2.82 -4.30 1.81
C ALA A 246 1.55 -4.27 2.62
N LEU A 247 1.56 -3.41 3.64
CA LEU A 247 0.38 -3.07 4.41
C LEU A 247 -0.22 -1.81 3.79
N PHE A 248 -1.39 -1.95 3.16
CA PHE A 248 -2.10 -0.82 2.56
C PHE A 248 -3.17 -0.34 3.52
N VAL A 249 -3.15 0.95 3.85
CA VAL A 249 -4.18 1.58 4.70
C VAL A 249 -5.14 2.35 3.81
N ASP A 250 -6.42 2.00 3.89
CA ASP A 250 -7.48 2.62 3.11
C ASP A 250 -8.66 2.97 4.01
N SER A 251 -9.50 3.87 3.52
CA SER A 251 -10.76 4.19 4.15
C SER A 251 -11.67 2.97 4.22
N SER A 252 -12.60 3.01 5.18
CA SER A 252 -13.63 1.99 5.25
C SER A 252 -14.39 1.89 3.93
N LEU A 253 -14.76 0.66 3.56
CA LEU A 253 -15.56 0.42 2.37
C LEU A 253 -17.04 0.27 2.70
N ASP A 254 -17.42 0.35 3.98
CA ASP A 254 -18.83 0.34 4.36
C ASP A 254 -19.42 1.73 4.21
N PRO A 255 -20.39 1.94 3.33
CA PRO A 255 -20.83 3.31 3.00
C PRO A 255 -21.57 4.00 4.12
N ARG A 256 -22.01 3.28 5.15
CA ARG A 256 -22.64 3.91 6.29
C ARG A 256 -21.63 4.24 7.38
N THR A 257 -20.40 3.76 7.24
CA THR A 257 -19.29 4.15 8.09
C THR A 257 -18.45 5.26 7.47
N CYS A 258 -18.16 5.15 6.18
CA CYS A 258 -17.43 6.17 5.44
C CYS A 258 -18.16 6.41 4.12
N PRO A 259 -18.60 7.63 3.83
CA PRO A 259 -19.34 7.86 2.60
C PRO A 259 -18.47 8.05 1.36
N GLY A 260 -17.14 8.06 1.49
CA GLY A 260 -16.28 8.19 0.32
C GLY A 260 -15.03 8.98 0.66
N LEU A 261 -14.44 9.57 -0.39
CA LEU A 261 -13.20 10.31 -0.25
C LEU A 261 -13.48 11.80 -0.13
N PHE A 262 -12.91 12.44 0.90
CA PHE A 262 -13.14 13.84 1.20
C PHE A 262 -11.99 14.70 0.68
N ARG A 263 -12.30 15.99 0.46
CA ARG A 263 -11.24 17.00 0.39
C ARG A 263 -11.44 17.99 1.52
N TYR A 264 -10.34 18.44 2.13
CA TYR A 264 -10.42 19.42 3.20
C TYR A 264 -10.25 20.82 2.61
N LEU A 265 -11.26 21.67 2.81
CA LEU A 265 -11.18 23.08 2.43
C LEU A 265 -11.03 23.90 3.70
N PRO A 266 -9.84 24.47 3.96
CA PRO A 266 -9.64 25.23 5.20
C PRO A 266 -10.66 26.34 5.34
N GLY A 267 -11.19 26.49 6.55
CA GLY A 267 -12.23 27.46 6.84
C GLY A 267 -13.63 26.99 6.54
N HIS A 268 -13.79 25.88 5.82
CA HIS A 268 -15.10 25.37 5.43
C HIS A 268 -15.35 23.97 5.96
N GLY A 269 -14.39 23.06 5.78
CA GLY A 269 -14.51 21.72 6.32
C GLY A 269 -14.30 20.68 5.25
N LEU A 270 -14.79 19.47 5.54
CA LEU A 270 -14.66 18.33 4.64
C LEU A 270 -15.75 18.37 3.59
N VAL A 271 -15.35 18.21 2.33
CA VAL A 271 -16.27 18.12 1.20
C VAL A 271 -16.16 16.72 0.63
N LEU A 272 -17.28 16.02 0.51
CA LEU A 272 -17.26 14.66 -0.01
C LEU A 272 -17.10 14.71 -1.52
N GLU A 273 -15.96 14.24 -2.01
CA GLU A 273 -15.61 14.42 -3.41
C GLU A 273 -16.00 13.21 -4.26
N ALA A 274 -15.70 12.00 -3.80
CA ALA A 274 -15.81 10.84 -4.64
C ALA A 274 -16.35 9.64 -3.86
N ASP A 275 -17.11 8.81 -4.56
CA ASP A 275 -17.52 7.51 -4.04
C ASP A 275 -16.30 6.59 -4.02
N PHE A 276 -15.91 6.12 -2.82
CA PHE A 276 -14.62 5.42 -2.73
C PHE A 276 -14.68 4.05 -3.41
N GLU A 277 -15.73 3.27 -3.18
CA GLU A 277 -15.76 1.95 -3.82
C GLU A 277 -15.77 2.07 -5.34
N MET A 278 -16.49 3.04 -5.89
CA MET A 278 -16.45 3.24 -7.33
C MET A 278 -15.04 3.60 -7.78
N PHE A 279 -14.40 4.53 -7.05
CA PHE A 279 -13.04 4.96 -7.37
C PHE A 279 -12.10 3.78 -7.36
N LEU A 280 -12.19 2.95 -6.31
CA LEU A 280 -11.30 1.81 -6.16
C LEU A 280 -11.53 0.77 -7.26
N ASN A 281 -12.79 0.44 -7.53
CA ASN A 281 -13.08 -0.55 -8.57
C ASN A 281 -12.52 -0.11 -9.92
N GLU A 282 -12.59 1.18 -10.22
N GLU A 282 -12.58 1.19 -10.22
CA GLU A 282 -12.09 1.69 -11.50
CA GLU A 282 -12.10 1.70 -11.49
C GLU A 282 -10.57 1.63 -11.57
C GLU A 282 -10.58 1.66 -11.58
N ILE A 283 -9.89 2.13 -10.53
CA ILE A 283 -8.44 2.22 -10.60
C ILE A 283 -7.83 0.82 -10.56
N LEU A 284 -8.44 -0.10 -9.79
CA LEU A 284 -7.97 -1.48 -9.76
C LEU A 284 -8.10 -2.13 -11.13
N HIS A 285 -9.26 -2.00 -11.76
CA HIS A 285 -9.42 -2.63 -13.06
C HIS A 285 -8.42 -2.06 -14.06
N ASN A 286 -8.27 -0.74 -14.08
CA ASN A 286 -7.37 -0.10 -15.03
C ASN A 286 -5.91 -0.45 -14.78
N THR A 287 -5.56 -0.92 -13.58
CA THR A 287 -4.17 -1.27 -13.33
C THR A 287 -3.75 -2.51 -14.13
N TYR A 288 -4.67 -3.41 -14.44
CA TYR A 288 -4.31 -4.74 -14.91
C TYR A 288 -4.76 -5.02 -16.35
N GLN A 289 -5.17 -3.99 -17.09
CA GLN A 289 -5.47 -4.14 -18.51
C GLN A 289 -4.27 -3.72 -19.35
N GLU A 290 -4.28 -4.15 -20.61
CA GLU A 290 -3.07 -4.02 -21.43
C GLU A 290 -2.73 -2.57 -21.73
N ASN A 291 -3.74 -1.75 -22.08
CA ASN A 291 -3.50 -0.41 -22.58
C ASN A 291 -3.98 0.69 -21.64
N THR A 292 -4.28 0.38 -20.39
CA THR A 292 -4.64 1.39 -19.41
C THR A 292 -3.56 1.46 -18.32
N GLN A 293 -3.72 2.39 -17.39
CA GLN A 293 -2.84 2.52 -16.24
C GLN A 293 -3.69 2.76 -15.00
N GLY A 294 -3.12 2.48 -13.83
CA GLY A 294 -3.85 2.66 -12.59
C GLY A 294 -3.77 4.09 -12.06
N LEU A 295 -4.27 5.04 -12.84
CA LEU A 295 -4.23 6.45 -12.49
C LEU A 295 -5.66 6.97 -12.46
N TYR A 296 -5.82 8.20 -11.99
CA TYR A 296 -7.16 8.80 -11.95
C TYR A 296 -7.09 10.23 -12.46
N LEU A 297 -8.24 10.71 -12.92
CA LEU A 297 -8.39 12.09 -13.40
C LEU A 297 -8.88 12.96 -12.23
N GLU A 298 -8.14 14.03 -11.95
CA GLU A 298 -8.50 14.95 -10.86
C GLU A 298 -9.76 15.75 -11.21
N HIS A 299 -10.65 15.92 -10.23
CA HIS A 299 -11.97 16.49 -10.50
C HIS A 299 -12.02 17.96 -10.13
N HIS A 300 -12.79 18.72 -10.94
CA HIS A 300 -13.08 20.15 -10.76
C HIS A 300 -11.95 21.03 -11.30
#